data_5DN5
#
_entry.id   5DN5
#
_cell.length_a   105.700
_cell.length_b   61.120
_cell.length_c   65.220
_cell.angle_alpha   90.00
_cell.angle_beta   106.70
_cell.angle_gamma   90.00
#
_symmetry.space_group_name_H-M   'C 1 2 1'
#
loop_
_entity.id
_entity.type
_entity.pdbx_description
1 polymer 'Peptidoglycan hydrolase FlgJ'
2 non-polymer 'IODIDE ION'
3 non-polymer 'SODIUM ION'
4 non-polymer 'CHLORIDE ION'
5 water water
#
_entity_poly.entity_id   1
_entity_poly.type   'polypeptide(L)'
_entity_poly.pdbx_seq_one_letter_code
;MDSKDFLARLSLPARLASEQSGVPHHLILAQAALESGWGQRQILRENGEPSYNVFGVKATASWKGPVTEITTTEYENGEA
KKVKAKFRVYSSYLEALSDYVALLTRNPRYAAVTTAATAEQGAVALQNAGYATDPNYARKLTSMIQQLKAMSGSHHHHHH
;
_entity_poly.pdbx_strand_id   A,B,C
#
loop_
_chem_comp.id
_chem_comp.type
_chem_comp.name
_chem_comp.formula
CL non-polymer 'CHLORIDE ION' 'Cl -1'
IOD non-polymer 'IODIDE ION' 'I -1'
NA non-polymer 'SODIUM ION' 'Na 1'
#
# COMPACT_ATOMS: atom_id res chain seq x y z
N ASP A 2 -16.41 8.09 11.56
CA ASP A 2 -15.77 9.41 11.84
C ASP A 2 -16.18 10.43 10.78
N SER A 3 -16.34 11.67 11.19
CA SER A 3 -17.05 12.66 10.39
C SER A 3 -16.38 12.96 9.05
N LYS A 4 -16.56 12.05 8.08
CA LYS A 4 -16.01 12.20 6.73
C LYS A 4 -14.49 12.00 6.63
N ASP A 5 -13.85 11.64 7.73
CA ASP A 5 -12.45 11.26 7.69
C ASP A 5 -12.33 9.87 7.09
N PHE A 6 -13.44 9.14 7.13
CA PHE A 6 -13.51 7.78 6.65
C PHE A 6 -13.23 7.78 5.16
N LEU A 7 -13.78 8.76 4.48
CA LEU A 7 -13.54 8.90 3.06
C LEU A 7 -12.11 9.33 2.82
N ALA A 8 -11.58 10.19 3.67
CA ALA A 8 -10.22 10.65 3.45
C ALA A 8 -9.23 9.50 3.56
N ARG A 9 -9.61 8.46 4.27
CA ARG A 9 -8.72 7.33 4.49
C ARG A 9 -8.86 6.30 3.38
N LEU A 10 -10.07 6.11 2.88
CA LEU A 10 -10.36 4.98 2.01
C LEU A 10 -10.58 5.35 0.58
N SER A 11 -10.82 6.60 0.32
CA SER A 11 -11.13 7.01 -1.02
C SER A 11 -10.07 6.65 -2.08
N LEU A 12 -8.78 6.85 -1.79
CA LEU A 12 -7.73 6.55 -2.77
C LEU A 12 -7.57 5.07 -2.97
N PRO A 13 -7.49 4.29 -1.89
CA PRO A 13 -7.41 2.86 -2.19
C PRO A 13 -8.65 2.30 -2.93
N ALA A 14 -9.85 2.78 -2.60
CA ALA A 14 -11.05 2.35 -3.30
C ALA A 14 -10.99 2.68 -4.77
N ARG A 15 -10.54 3.87 -5.09
CA ARG A 15 -10.42 4.28 -6.50
C ARG A 15 -9.48 3.37 -7.25
N LEU A 16 -8.32 3.08 -6.67
CA LEU A 16 -7.35 2.26 -7.34
C LEU A 16 -7.86 0.84 -7.55
N ALA A 17 -8.65 0.31 -6.62
CA ALA A 17 -9.18 -1.02 -6.75
C ALA A 17 -10.32 -1.00 -7.76
N SER A 18 -11.03 0.11 -7.79
CA SER A 18 -12.09 0.31 -8.75
C SER A 18 -11.48 0.25 -10.14
N GLU A 19 -10.37 0.94 -10.33
CA GLU A 19 -9.73 0.99 -11.63
C GLU A 19 -9.10 -0.35 -11.98
N GLN A 20 -8.73 -1.16 -10.99
CA GLN A 20 -8.14 -2.47 -11.31
C GLN A 20 -9.20 -3.44 -11.82
N SER A 21 -10.38 -3.34 -11.21
CA SER A 21 -11.39 -4.39 -11.30
C SER A 21 -12.60 -4.00 -12.16
N GLY A 22 -12.95 -2.73 -12.14
CA GLY A 22 -14.09 -2.21 -12.89
C GLY A 22 -15.29 -2.04 -12.01
N VAL A 23 -15.15 -2.45 -10.76
CA VAL A 23 -16.17 -2.22 -9.77
C VAL A 23 -16.32 -0.72 -9.44
N PRO A 24 -17.54 -0.19 -9.50
CA PRO A 24 -17.67 1.25 -9.26
C PRO A 24 -17.09 1.72 -7.90
N HIS A 25 -16.29 2.77 -7.99
CA HIS A 25 -15.70 3.44 -6.83
C HIS A 25 -16.69 3.60 -5.62
N HIS A 26 -17.88 4.13 -5.82
CA HIS A 26 -18.72 4.44 -4.66
C HIS A 26 -19.36 3.21 -4.10
N LEU A 27 -19.45 2.16 -4.91
CA LEU A 27 -19.98 0.90 -4.42
C LEU A 27 -19.07 0.31 -3.34
N ILE A 28 -17.80 0.17 -3.70
CA ILE A 28 -16.78 -0.33 -2.77
C ILE A 28 -16.80 0.47 -1.47
N LEU A 29 -16.70 1.77 -1.62
CA LEU A 29 -16.72 2.70 -0.51
C LEU A 29 -17.94 2.56 0.32
N ALA A 30 -19.08 2.33 -0.35
CA ALA A 30 -20.35 2.26 0.35
C ALA A 30 -20.46 0.97 1.12
N GLN A 31 -19.96 -0.11 0.52
CA GLN A 31 -19.98 -1.38 1.20
C GLN A 31 -19.11 -1.28 2.43
N ALA A 32 -17.89 -0.79 2.28
CA ALA A 32 -17.01 -0.56 3.43
C ALA A 32 -17.69 0.32 4.49
N ALA A 33 -18.30 1.42 4.07
CA ALA A 33 -18.89 2.36 5.04
C ALA A 33 -20.01 1.70 5.80
N LEU A 34 -20.71 0.82 5.11
CA LEU A 34 -21.85 0.14 5.70
C LEU A 34 -21.41 -1.00 6.63
N GLU A 35 -20.48 -1.83 6.17
CA GLU A 35 -20.11 -3.02 6.93
C GLU A 35 -19.15 -2.74 8.06
N SER A 36 -18.54 -1.57 8.07
CA SER A 36 -17.71 -1.14 9.18
C SER A 36 -18.29 0.00 9.99
N GLY A 37 -19.49 0.45 9.70
CA GLY A 37 -20.03 1.64 10.35
C GLY A 37 -19.14 2.86 10.17
N TRP A 38 -18.91 3.25 8.93
CA TRP A 38 -18.07 4.41 8.69
C TRP A 38 -16.72 4.24 9.38
N GLY A 39 -16.21 3.01 9.34
CA GLY A 39 -14.90 2.71 9.86
C GLY A 39 -14.82 2.55 11.38
N GLN A 40 -15.95 2.66 12.10
CA GLN A 40 -15.90 2.61 13.57
C GLN A 40 -15.64 1.17 14.08
N ARG A 41 -16.01 0.16 13.33
CA ARG A 41 -15.69 -1.21 13.71
C ARG A 41 -14.27 -1.64 13.28
N GLN A 42 -13.33 -1.63 14.21
CA GLN A 42 -11.97 -2.03 13.90
C GLN A 42 -11.81 -3.47 14.31
N ILE A 43 -10.91 -4.15 13.64
CA ILE A 43 -10.51 -5.48 14.04
C ILE A 43 -9.04 -5.31 14.29
N LEU A 44 -8.68 -5.24 15.56
CA LEU A 44 -7.30 -4.96 15.95
C LEU A 44 -6.57 -6.24 16.29
N ARG A 45 -5.28 -6.19 16.08
CA ARG A 45 -4.40 -7.25 16.42
C ARG A 45 -4.25 -7.29 17.94
N GLU A 46 -3.73 -8.39 18.47
CA GLU A 46 -3.68 -8.59 19.91
C GLU A 46 -2.88 -7.47 20.64
N ASN A 47 -2.03 -6.75 19.90
CA ASN A 47 -1.30 -5.63 20.45
C ASN A 47 -1.90 -4.27 20.16
N GLY A 48 -3.16 -4.23 19.79
CA GLY A 48 -3.79 -2.95 19.49
C GLY A 48 -3.57 -2.39 18.07
N GLU A 49 -2.64 -2.94 17.28
CA GLU A 49 -2.41 -2.42 15.93
C GLU A 49 -3.59 -2.75 14.97
N PRO A 50 -3.72 -1.98 13.88
CA PRO A 50 -4.80 -2.17 12.91
C PRO A 50 -4.64 -3.44 12.15
N SER A 51 -5.73 -4.03 11.71
CA SER A 51 -5.63 -5.08 10.73
C SER A 51 -5.94 -4.48 9.33
N TYR A 52 -6.48 -3.25 9.31
CA TYR A 52 -6.92 -2.63 8.06
C TYR A 52 -7.98 -3.48 7.31
N ASN A 53 -8.58 -4.42 8.01
CA ASN A 53 -9.44 -5.41 7.40
C ASN A 53 -10.87 -4.89 7.54
N VAL A 54 -11.22 -3.92 6.71
CA VAL A 54 -12.49 -3.20 6.86
C VAL A 54 -13.69 -4.10 6.54
N PHE A 55 -13.52 -5.12 5.72
CA PHE A 55 -14.64 -6.04 5.49
C PHE A 55 -14.65 -7.22 6.49
N GLY A 56 -13.77 -7.22 7.48
CA GLY A 56 -13.76 -8.28 8.46
C GLY A 56 -13.55 -9.66 7.89
N VAL A 57 -12.67 -9.75 6.90
CA VAL A 57 -12.48 -11.02 6.22
C VAL A 57 -11.71 -12.01 7.07
N LYS A 58 -12.25 -13.21 7.17
CA LYS A 58 -11.64 -14.27 7.96
C LYS A 58 -10.44 -14.87 7.26
N ALA A 59 -9.51 -15.36 8.05
CA ALA A 59 -8.33 -15.99 7.53
C ALA A 59 -8.52 -17.48 7.38
N THR A 60 -8.24 -17.99 6.19
CA THR A 60 -8.36 -19.40 5.86
C THR A 60 -7.00 -20.02 5.67
N ALA A 61 -6.97 -21.29 5.31
CA ALA A 61 -5.70 -21.97 5.07
C ALA A 61 -5.04 -21.38 3.82
N SER A 62 -5.85 -20.99 2.85
CA SER A 62 -5.38 -20.38 1.61
C SER A 62 -4.64 -19.06 1.86
N TRP A 63 -5.10 -18.29 2.85
CA TRP A 63 -4.46 -17.02 3.20
C TRP A 63 -3.08 -17.25 3.74
N LYS A 64 -2.07 -16.62 3.15
CA LYS A 64 -0.69 -16.88 3.57
C LYS A 64 -0.13 -15.81 4.48
N GLY A 65 -0.90 -14.75 4.71
CA GLY A 65 -0.40 -13.62 5.44
C GLY A 65 -0.54 -13.71 6.95
N PRO A 66 -0.27 -12.61 7.63
CA PRO A 66 -0.43 -12.49 9.08
C PRO A 66 -1.91 -12.48 9.43
N VAL A 67 -2.21 -12.81 10.68
CA VAL A 67 -3.57 -12.94 11.15
C VAL A 67 -3.68 -12.40 12.56
N THR A 68 -4.91 -12.13 12.98
CA THR A 68 -5.21 -11.78 14.35
C THR A 68 -6.43 -12.59 14.79
N GLU A 69 -6.41 -13.00 16.06
CA GLU A 69 -7.45 -13.81 16.62
C GLU A 69 -8.31 -12.98 17.52
N ILE A 70 -9.61 -13.12 17.37
CA ILE A 70 -10.55 -12.38 18.19
C ILE A 70 -11.31 -13.41 19.04
N THR A 71 -11.41 -13.12 20.32
CA THR A 71 -12.17 -13.94 21.23
C THR A 71 -13.54 -13.33 21.52
N THR A 72 -14.58 -14.13 21.29
CA THR A 72 -15.91 -13.81 21.73
C THR A 72 -16.42 -14.93 22.65
N THR A 73 -17.66 -14.80 23.12
CA THR A 73 -18.20 -15.75 24.08
C THR A 73 -19.64 -16.09 23.74
N GLU A 74 -20.00 -17.33 23.97
CA GLU A 74 -21.38 -17.76 23.86
C GLU A 74 -21.82 -18.31 25.22
N TYR A 75 -22.94 -17.82 25.75
CA TYR A 75 -23.56 -18.40 26.94
C TYR A 75 -24.63 -19.39 26.52
N GLU A 76 -24.24 -20.65 26.25
CA GLU A 76 -25.17 -21.68 25.79
C GLU A 76 -25.19 -22.93 26.69
N ASN A 77 -26.40 -23.42 26.97
CA ASN A 77 -26.62 -24.51 27.92
C ASN A 77 -26.03 -24.16 29.28
N GLY A 78 -26.18 -22.89 29.69
CA GLY A 78 -25.59 -22.40 30.91
C GLY A 78 -24.09 -22.52 31.03
N GLU A 79 -23.42 -22.87 29.92
CA GLU A 79 -21.96 -22.89 29.87
C GLU A 79 -21.47 -21.70 29.06
N ALA A 80 -20.25 -21.26 29.37
CA ALA A 80 -19.68 -20.09 28.74
C ALA A 80 -18.61 -20.53 27.75
N LYS A 81 -18.99 -20.72 26.49
CA LYS A 81 -18.04 -21.19 25.48
C LYS A 81 -17.29 -20.02 24.84
N LYS A 82 -15.97 -20.03 25.01
CA LYS A 82 -15.07 -19.07 24.40
C LYS A 82 -14.77 -19.50 22.97
N VAL A 83 -15.20 -18.72 21.97
CA VAL A 83 -14.89 -19.05 20.60
C VAL A 83 -13.89 -18.07 20.00
N LYS A 84 -12.90 -18.60 19.29
CA LYS A 84 -11.84 -17.80 18.67
C LYS A 84 -12.10 -17.66 17.16
N ALA A 85 -11.75 -16.52 16.55
CA ALA A 85 -11.87 -16.37 15.09
C ALA A 85 -10.64 -15.67 14.57
N LYS A 86 -9.94 -16.26 13.59
CA LYS A 86 -8.79 -15.62 12.94
C LYS A 86 -9.24 -14.69 11.80
N PHE A 87 -8.72 -13.48 11.81
CA PHE A 87 -8.94 -12.51 10.73
C PHE A 87 -7.63 -12.21 10.01
N ARG A 88 -7.76 -11.97 8.73
CA ARG A 88 -6.64 -11.52 7.91
C ARG A 88 -6.14 -10.19 8.39
N VAL A 89 -4.84 -10.02 8.37
CA VAL A 89 -4.18 -8.74 8.59
C VAL A 89 -3.62 -8.27 7.27
N TYR A 90 -3.96 -7.05 6.88
CA TYR A 90 -3.59 -6.46 5.60
C TYR A 90 -2.44 -5.47 5.81
N SER A 91 -1.66 -5.17 4.77
CA SER A 91 -0.50 -4.27 4.93
C SER A 91 -0.93 -2.83 5.02
N SER A 92 -2.17 -2.60 4.59
CA SER A 92 -2.72 -1.28 4.25
C SER A 92 -4.16 -1.47 3.79
N TYR A 93 -4.91 -0.39 3.77
CA TYR A 93 -6.24 -0.40 3.18
C TYR A 93 -6.21 -0.76 1.70
N LEU A 94 -5.12 -0.40 1.00
CA LEU A 94 -4.98 -0.81 -0.38
C LEU A 94 -5.00 -2.32 -0.53
N GLU A 95 -4.28 -3.07 0.31
CA GLU A 95 -4.23 -4.53 0.17
C GLU A 95 -5.60 -5.09 0.51
N ALA A 96 -6.20 -4.56 1.56
CA ALA A 96 -7.55 -4.98 1.90
C ALA A 96 -8.51 -4.84 0.71
N LEU A 97 -8.58 -3.67 0.07
CA LEU A 97 -9.55 -3.47 -1.02
C LEU A 97 -9.18 -4.18 -2.28
N SER A 98 -7.89 -4.40 -2.48
CA SER A 98 -7.44 -5.18 -3.60
C SER A 98 -7.77 -6.66 -3.45
N ASP A 99 -7.58 -7.17 -2.24
CA ASP A 99 -7.99 -8.52 -1.95
C ASP A 99 -9.51 -8.64 -2.25
N TYR A 100 -10.30 -7.67 -1.85
CA TYR A 100 -11.75 -7.76 -2.08
C TYR A 100 -12.14 -7.79 -3.57
N VAL A 101 -11.60 -6.88 -4.35
CA VAL A 101 -12.03 -6.82 -5.74
C VAL A 101 -11.39 -7.92 -6.57
N ALA A 102 -10.32 -8.53 -6.06
CA ALA A 102 -9.68 -9.60 -6.79
C ALA A 102 -10.65 -10.78 -6.83
N LEU A 103 -11.26 -11.02 -5.68
CA LEU A 103 -12.25 -12.05 -5.56
C LEU A 103 -13.35 -11.79 -6.57
N LEU A 104 -13.82 -10.54 -6.62
CA LEU A 104 -14.95 -10.19 -7.47
C LEU A 104 -14.59 -10.53 -8.91
N THR A 105 -13.37 -10.15 -9.31
CA THR A 105 -12.86 -10.38 -10.66
C THR A 105 -12.77 -11.86 -11.01
N ARG A 106 -12.47 -12.68 -10.02
CA ARG A 106 -12.16 -14.08 -10.30
C ARG A 106 -13.40 -14.99 -10.30
N ASN A 107 -14.60 -14.43 -10.17
CA ASN A 107 -15.84 -15.23 -10.08
C ASN A 107 -16.96 -14.66 -10.98
N PRO A 108 -17.29 -15.38 -12.07
CA PRO A 108 -18.26 -14.90 -13.07
C PRO A 108 -19.62 -14.56 -12.52
N ARG A 109 -19.97 -15.09 -11.36
CA ARG A 109 -21.21 -14.72 -10.72
C ARG A 109 -21.26 -13.23 -10.41
N TYR A 110 -20.12 -12.55 -10.49
CA TYR A 110 -20.05 -11.13 -10.22
C TYR A 110 -19.66 -10.34 -11.45
N ALA A 111 -19.74 -10.98 -12.59
CA ALA A 111 -19.49 -10.28 -13.85
C ALA A 111 -20.30 -8.99 -13.94
N ALA A 112 -21.53 -9.01 -13.47
CA ALA A 112 -22.40 -7.86 -13.64
C ALA A 112 -21.97 -6.68 -12.79
N VAL A 113 -21.05 -6.93 -11.84
CA VAL A 113 -20.64 -5.85 -10.94
C VAL A 113 -19.45 -5.17 -11.54
N THR A 114 -18.56 -5.95 -12.11
CA THR A 114 -17.36 -5.40 -12.66
C THR A 114 -17.55 -4.80 -14.04
N THR A 115 -18.77 -4.78 -14.54
CA THR A 115 -19.06 -4.09 -15.79
C THR A 115 -20.26 -3.14 -15.60
N ALA A 116 -20.65 -2.96 -14.34
CA ALA A 116 -21.76 -2.07 -14.02
C ALA A 116 -21.38 -0.64 -14.37
N ALA A 117 -22.36 0.12 -14.86
CA ALA A 117 -22.10 1.48 -15.34
C ALA A 117 -22.17 2.49 -14.21
N THR A 118 -23.02 2.22 -13.24
CA THR A 118 -23.11 3.02 -12.04
C THR A 118 -22.95 2.17 -10.76
N ALA A 119 -22.69 2.85 -9.64
CA ALA A 119 -22.62 2.17 -8.37
C ALA A 119 -23.96 1.49 -8.05
N GLU A 120 -25.04 2.14 -8.42
CA GLU A 120 -26.36 1.63 -8.06
C GLU A 120 -26.67 0.40 -8.87
N GLN A 121 -26.28 0.40 -10.14
CA GLN A 121 -26.33 -0.83 -10.95
C GLN A 121 -25.53 -1.98 -10.31
N GLY A 122 -24.35 -1.64 -9.79
CA GLY A 122 -23.51 -2.66 -9.19
C GLY A 122 -24.21 -3.20 -7.98
N ALA A 123 -24.80 -2.33 -7.17
CA ALA A 123 -25.50 -2.76 -5.97
C ALA A 123 -26.64 -3.73 -6.31
N VAL A 124 -27.18 -3.56 -7.51
CA VAL A 124 -28.22 -4.43 -8.02
C VAL A 124 -27.65 -5.77 -8.49
N ALA A 125 -26.54 -5.71 -9.21
CA ALA A 125 -25.87 -6.91 -9.65
C ALA A 125 -25.41 -7.73 -8.43
N LEU A 126 -25.06 -7.05 -7.35
CA LEU A 126 -24.54 -7.76 -6.18
C LEU A 126 -25.71 -8.50 -5.55
N GLN A 127 -26.82 -7.81 -5.35
CA GLN A 127 -28.03 -8.42 -4.78
C GLN A 127 -28.44 -9.68 -5.55
N ASN A 128 -28.53 -9.58 -6.87
CA ASN A 128 -28.77 -10.77 -7.67
C ASN A 128 -27.84 -11.93 -7.31
N ALA A 129 -26.53 -11.72 -7.47
CA ALA A 129 -25.52 -12.71 -7.14
C ALA A 129 -25.60 -13.29 -5.72
N GLY A 130 -26.52 -12.76 -4.90
CA GLY A 130 -26.74 -13.28 -3.56
C GLY A 130 -25.85 -12.72 -2.46
N TYR A 131 -25.17 -11.61 -2.71
CA TYR A 131 -24.25 -11.03 -1.75
C TYR A 131 -25.05 -10.63 -0.52
N ALA A 132 -24.48 -10.82 0.66
CA ALA A 132 -25.17 -10.46 1.91
C ALA A 132 -26.41 -11.33 2.21
N THR A 133 -26.89 -12.06 1.20
CA THR A 133 -28.13 -12.82 1.32
C THR A 133 -29.21 -11.96 1.98
N ASP A 134 -29.32 -10.73 1.49
CA ASP A 134 -30.50 -9.90 1.68
C ASP A 134 -31.11 -9.80 0.28
N PRO A 135 -32.42 -10.02 0.15
CA PRO A 135 -32.98 -9.84 -1.18
C PRO A 135 -33.29 -8.38 -1.44
N ASN A 136 -33.22 -7.55 -0.40
CA ASN A 136 -33.41 -6.11 -0.52
C ASN A 136 -32.15 -5.40 -0.06
N TYR A 137 -31.05 -5.93 -0.58
CA TYR A 137 -29.70 -5.48 -0.26
C TYR A 137 -29.37 -4.22 -1.02
N ALA A 138 -29.67 -4.27 -2.31
CA ALA A 138 -29.47 -3.16 -3.19
C ALA A 138 -29.99 -1.86 -2.59
N ARG A 139 -31.08 -1.93 -1.86
CA ARG A 139 -31.70 -0.74 -1.29
C ARG A 139 -30.92 -0.21 -0.10
N LYS A 140 -30.35 -1.11 0.69
CA LYS A 140 -29.63 -0.67 1.86
C LYS A 140 -28.42 0.10 1.40
N LEU A 141 -27.78 -0.48 0.39
CA LEU A 141 -26.52 0.02 -0.12
C LEU A 141 -26.72 1.31 -0.91
N THR A 142 -27.80 1.36 -1.67
CA THR A 142 -28.03 2.49 -2.53
C THR A 142 -28.21 3.76 -1.72
N SER A 143 -28.86 3.68 -0.56
CA SER A 143 -28.98 4.86 0.29
C SER A 143 -27.62 5.30 0.80
N MET A 144 -26.74 4.35 1.09
CA MET A 144 -25.40 4.70 1.56
C MET A 144 -24.60 5.35 0.42
N ILE A 145 -24.80 4.82 -0.78
CA ILE A 145 -24.11 5.33 -1.94
C ILE A 145 -24.48 6.78 -2.17
N GLN A 146 -25.77 7.08 -2.06
CA GLN A 146 -26.24 8.44 -2.25
C GLN A 146 -25.60 9.32 -1.20
N GLN A 147 -25.37 8.77 -0.03
CA GLN A 147 -24.79 9.58 1.02
C GLN A 147 -23.31 9.85 0.78
N LEU A 148 -22.59 8.85 0.32
CA LEU A 148 -21.23 9.06 -0.15
C LEU A 148 -21.12 10.08 -1.27
N LYS A 149 -22.06 10.08 -2.20
CA LYS A 149 -21.90 10.97 -3.34
C LYS A 149 -22.12 12.43 -2.91
N ALA A 150 -23.05 12.63 -2.01
CA ALA A 150 -23.27 13.94 -1.44
C ALA A 150 -22.00 14.51 -0.80
N MET A 151 -21.09 13.65 -0.37
CA MET A 151 -19.87 14.11 0.28
C MET A 151 -18.73 14.29 -0.70
N SER A 152 -18.50 13.25 -1.52
CA SER A 152 -17.31 13.08 -2.38
C SER A 152 -16.08 13.86 -1.93
N ASP B 2 -3.87 -21.37 -6.02
CA ASP B 2 -2.86 -20.58 -5.23
C ASP B 2 -1.85 -19.88 -6.13
N SER B 3 -1.55 -20.48 -7.28
CA SER B 3 -0.93 -19.73 -8.35
C SER B 3 -1.91 -18.62 -8.56
N LYS B 4 -3.17 -19.03 -8.63
CA LYS B 4 -4.28 -18.10 -8.74
C LYS B 4 -4.18 -17.01 -7.65
N ASP B 5 -4.06 -17.41 -6.38
CA ASP B 5 -4.08 -16.45 -5.28
C ASP B 5 -2.90 -15.49 -5.31
N PHE B 6 -1.71 -16.01 -5.56
CA PHE B 6 -0.53 -15.18 -5.57
C PHE B 6 -0.72 -14.09 -6.59
N LEU B 7 -1.14 -14.51 -7.78
CA LEU B 7 -1.31 -13.62 -8.91
C LEU B 7 -2.31 -12.57 -8.58
N ALA B 8 -3.18 -12.85 -7.61
CA ALA B 8 -4.27 -11.96 -7.28
C ALA B 8 -3.92 -10.98 -6.17
N ARG B 9 -2.91 -11.30 -5.37
CA ARG B 9 -2.48 -10.42 -4.30
C ARG B 9 -1.49 -9.36 -4.83
N LEU B 10 -0.83 -9.68 -5.94
CA LEU B 10 0.25 -8.86 -6.47
C LEU B 10 -0.13 -8.10 -7.74
N SER B 11 -1.20 -8.56 -8.38
CA SER B 11 -1.66 -7.97 -9.63
C SER B 11 -1.78 -6.46 -9.61
N LEU B 12 -2.48 -5.94 -8.61
CA LEU B 12 -2.65 -4.50 -8.44
C LEU B 12 -1.36 -3.74 -8.17
N PRO B 13 -0.61 -4.10 -7.13
CA PRO B 13 0.66 -3.39 -6.99
C PRO B 13 1.60 -3.51 -8.23
N ALA B 14 1.61 -4.65 -8.91
CA ALA B 14 2.40 -4.80 -10.12
C ALA B 14 1.88 -3.87 -11.24
N ARG B 15 0.59 -3.77 -11.42
CA ARG B 15 0.04 -2.83 -12.39
C ARG B 15 0.46 -1.38 -12.04
N LEU B 16 0.40 -0.99 -10.78
CA LEU B 16 0.74 0.39 -10.46
C LEU B 16 2.25 0.66 -10.66
N ALA B 17 3.11 -0.28 -10.29
CA ALA B 17 4.53 -0.15 -10.57
C ALA B 17 4.82 -0.09 -12.07
N SER B 18 4.08 -0.87 -12.82
CA SER B 18 4.20 -0.86 -14.26
C SER B 18 3.89 0.53 -14.78
N GLU B 19 2.69 1.01 -14.46
CA GLU B 19 2.25 2.35 -14.91
C GLU B 19 3.17 3.49 -14.44
N GLN B 20 3.85 3.30 -13.31
CA GLN B 20 4.76 4.29 -12.80
C GLN B 20 6.01 4.36 -13.62
N SER B 21 6.38 3.23 -14.21
CA SER B 21 7.76 3.01 -14.64
C SER B 21 7.91 2.71 -16.12
N GLY B 22 6.90 2.07 -16.69
CA GLY B 22 7.01 1.59 -18.04
C GLY B 22 7.33 0.12 -18.12
N VAL B 23 7.77 -0.49 -17.03
CA VAL B 23 8.07 -1.91 -17.05
C VAL B 23 6.78 -2.70 -17.25
N PRO B 24 6.74 -3.64 -18.21
CA PRO B 24 5.50 -4.39 -18.35
C PRO B 24 4.98 -5.07 -17.06
N HIS B 25 3.67 -4.94 -16.88
CA HIS B 25 2.95 -5.61 -15.83
C HIS B 25 3.37 -7.10 -15.66
N HIS B 26 3.25 -7.91 -16.70
CA HIS B 26 3.42 -9.36 -16.52
C HIS B 26 4.87 -9.70 -16.37
N LEU B 27 5.74 -8.80 -16.80
CA LEU B 27 7.14 -9.05 -16.56
C LEU B 27 7.40 -8.98 -15.05
N ILE B 28 6.79 -7.99 -14.38
CA ILE B 28 6.98 -7.80 -12.96
C ILE B 28 6.41 -9.02 -12.23
N LEU B 29 5.20 -9.40 -12.60
CA LEU B 29 4.53 -10.53 -12.03
C LEU B 29 5.25 -11.84 -12.23
N ALA B 30 5.83 -12.01 -13.41
CA ALA B 30 6.41 -13.29 -13.74
C ALA B 30 7.72 -13.45 -12.98
N GLN B 31 8.45 -12.37 -12.81
CA GLN B 31 9.66 -12.40 -12.03
C GLN B 31 9.39 -12.66 -10.57
N ALA B 32 8.35 -12.01 -10.03
CA ALA B 32 7.93 -12.29 -8.67
C ALA B 32 7.49 -13.75 -8.49
N ALA B 33 6.65 -14.24 -9.40
CA ALA B 33 6.16 -15.61 -9.34
C ALA B 33 7.30 -16.59 -9.34
N LEU B 34 8.22 -16.36 -10.26
CA LEU B 34 9.37 -17.22 -10.41
C LEU B 34 10.28 -17.21 -9.19
N GLU B 35 10.64 -16.01 -8.75
CA GLU B 35 11.69 -15.85 -7.74
C GLU B 35 11.24 -16.19 -6.35
N SER B 36 9.93 -16.20 -6.15
CA SER B 36 9.42 -16.53 -4.86
C SER B 36 8.59 -17.79 -4.90
N GLY B 37 8.51 -18.49 -6.03
CA GLY B 37 7.70 -19.69 -6.11
C GLY B 37 6.26 -19.43 -5.82
N TRP B 38 5.66 -18.55 -6.61
CA TRP B 38 4.29 -18.12 -6.40
C TRP B 38 4.04 -17.75 -4.95
N GLY B 39 4.94 -16.95 -4.40
CA GLY B 39 4.85 -16.53 -3.02
C GLY B 39 4.79 -17.66 -1.99
N GLN B 40 5.26 -18.85 -2.32
CA GLN B 40 5.42 -19.88 -1.27
C GLN B 40 6.57 -19.44 -0.36
N ARG B 41 7.59 -18.84 -0.96
CA ARG B 41 8.83 -18.61 -0.23
C ARG B 41 8.95 -17.20 0.35
N GLN B 42 8.67 -17.11 1.64
CA GLN B 42 8.60 -15.87 2.38
C GLN B 42 9.86 -15.54 3.15
N ILE B 43 10.01 -14.26 3.47
CA ILE B 43 11.11 -13.78 4.28
C ILE B 43 10.47 -13.07 5.42
N LEU B 44 10.38 -13.76 6.56
CA LEU B 44 9.67 -13.21 7.70
C LEU B 44 10.64 -12.51 8.63
N ARG B 45 10.08 -11.57 9.34
CA ARG B 45 10.73 -10.87 10.39
C ARG B 45 10.99 -11.82 11.53
N GLU B 46 11.82 -11.39 12.47
CA GLU B 46 12.06 -12.11 13.69
C GLU B 46 10.76 -12.60 14.35
N ASN B 47 9.79 -11.70 14.48
CA ASN B 47 8.53 -12.05 15.16
C ASN B 47 7.51 -12.73 14.25
N GLY B 48 7.94 -13.21 13.11
CA GLY B 48 7.02 -13.92 12.22
C GLY B 48 6.24 -13.06 11.26
N GLU B 49 6.33 -11.75 11.40
CA GLU B 49 5.61 -10.88 10.47
C GLU B 49 6.25 -10.82 9.06
N PRO B 50 5.42 -10.53 8.04
CA PRO B 50 5.92 -10.46 6.67
C PRO B 50 6.89 -9.33 6.44
N SER B 51 7.82 -9.54 5.53
CA SER B 51 8.65 -8.44 5.04
C SER B 51 8.10 -7.84 3.73
N TYR B 52 7.14 -8.55 3.13
CA TYR B 52 6.59 -8.20 1.81
C TYR B 52 7.71 -8.07 0.78
N ASN B 53 8.86 -8.66 1.09
CA ASN B 53 10.04 -8.59 0.23
C ASN B 53 10.07 -9.72 -0.79
N VAL B 54 9.30 -9.53 -1.87
CA VAL B 54 9.13 -10.56 -2.88
C VAL B 54 10.41 -10.97 -3.59
N PHE B 55 11.33 -10.05 -3.84
CA PHE B 55 12.56 -10.40 -4.57
C PHE B 55 13.75 -10.70 -3.64
N GLY B 56 13.50 -10.81 -2.33
CA GLY B 56 14.55 -11.12 -1.37
C GLY B 56 15.72 -10.17 -1.49
N VAL B 57 15.37 -8.89 -1.51
CA VAL B 57 16.33 -7.82 -1.61
C VAL B 57 17.05 -7.53 -0.30
N LYS B 58 18.38 -7.53 -0.35
CA LYS B 58 19.20 -7.38 0.84
C LYS B 58 19.21 -5.94 1.28
N ALA B 59 19.33 -5.75 2.59
CA ALA B 59 19.52 -4.42 3.13
C ALA B 59 20.95 -3.94 2.89
N THR B 60 21.08 -2.82 2.19
CA THR B 60 22.36 -2.18 1.94
C THR B 60 22.50 -0.94 2.80
N ALA B 61 23.61 -0.22 2.64
CA ALA B 61 23.87 0.94 3.48
C ALA B 61 22.85 2.04 3.17
N SER B 62 22.55 2.22 1.89
CA SER B 62 21.58 3.23 1.48
C SER B 62 20.21 2.99 2.11
N TRP B 63 19.83 1.72 2.27
CA TRP B 63 18.47 1.44 2.73
C TRP B 63 18.28 2.02 4.11
N LYS B 64 17.28 2.85 4.26
CA LYS B 64 17.05 3.52 5.50
C LYS B 64 15.80 3.02 6.19
N GLY B 65 15.19 1.98 5.64
CA GLY B 65 13.98 1.43 6.20
C GLY B 65 14.21 0.32 7.19
N PRO B 66 13.15 -0.33 7.65
CA PRO B 66 13.29 -1.45 8.58
C PRO B 66 13.95 -2.63 7.90
N VAL B 67 14.55 -3.55 8.65
CA VAL B 67 15.30 -4.67 8.14
C VAL B 67 14.91 -5.92 8.94
N THR B 68 15.26 -7.09 8.44
CA THR B 68 15.15 -8.33 9.20
C THR B 68 16.40 -9.11 8.91
N GLU B 69 16.90 -9.79 9.93
CA GLU B 69 18.07 -10.67 9.80
C GLU B 69 17.67 -12.12 9.74
N ILE B 70 18.17 -12.83 8.76
CA ILE B 70 17.98 -14.27 8.73
C ILE B 70 19.33 -14.96 8.96
N THR B 71 19.29 -15.95 9.82
CA THR B 71 20.45 -16.77 10.15
C THR B 71 20.47 -18.00 9.27
N THR B 72 21.55 -18.21 8.54
CA THR B 72 21.77 -19.49 7.95
C THR B 72 22.99 -20.11 8.65
N THR B 73 23.51 -21.22 8.13
CA THR B 73 24.59 -21.94 8.78
C THR B 73 25.43 -22.60 7.73
N GLU B 74 26.73 -22.65 7.96
CA GLU B 74 27.63 -23.35 7.07
C GLU B 74 28.37 -24.42 7.87
N TYR B 75 28.29 -25.66 7.42
CA TYR B 75 29.07 -26.73 8.03
C TYR B 75 30.32 -26.83 7.21
N GLU B 76 31.24 -25.89 7.35
CA GLU B 76 32.48 -25.94 6.58
C GLU B 76 33.62 -26.39 7.49
N ASN B 77 34.44 -27.31 7.00
CA ASN B 77 35.61 -27.71 7.74
C ASN B 77 35.33 -28.10 9.19
N GLY B 78 34.21 -28.77 9.40
CA GLY B 78 33.92 -29.32 10.71
C GLY B 78 33.42 -28.29 11.70
N GLU B 79 33.24 -27.06 11.24
CA GLU B 79 32.74 -25.98 12.07
C GLU B 79 31.30 -25.58 11.71
N ALA B 80 30.48 -25.31 12.73
CA ALA B 80 29.10 -24.87 12.52
C ALA B 80 29.03 -23.35 12.54
N LYS B 81 29.18 -22.75 11.38
CA LYS B 81 29.33 -21.29 11.22
C LYS B 81 27.97 -20.60 11.03
N LYS B 82 27.60 -19.73 11.96
CA LYS B 82 26.45 -18.88 11.78
C LYS B 82 26.80 -17.68 10.90
N VAL B 83 26.05 -17.55 9.81
CA VAL B 83 26.11 -16.36 8.98
C VAL B 83 24.75 -15.65 8.98
N LYS B 84 24.79 -14.33 9.07
CA LYS B 84 23.59 -13.50 9.23
C LYS B 84 23.42 -12.64 7.99
N ALA B 85 22.19 -12.58 7.48
CA ALA B 85 21.88 -11.76 6.31
C ALA B 85 20.72 -10.84 6.68
N LYS B 86 20.82 -9.58 6.31
CA LYS B 86 19.81 -8.57 6.57
C LYS B 86 19.01 -8.29 5.30
N PHE B 87 17.68 -8.38 5.38
CA PHE B 87 16.79 -8.13 4.24
C PHE B 87 15.96 -6.88 4.47
N ARG B 88 15.67 -6.14 3.40
CA ARG B 88 14.73 -5.03 3.47
C ARG B 88 13.34 -5.49 3.89
N VAL B 89 12.71 -4.69 4.73
CA VAL B 89 11.29 -4.82 5.11
C VAL B 89 10.50 -3.71 4.49
N TYR B 90 9.52 -4.11 3.66
CA TYR B 90 8.69 -3.16 2.93
C TYR B 90 7.37 -2.95 3.66
N SER B 91 6.73 -1.83 3.41
CA SER B 91 5.51 -1.53 4.07
C SER B 91 4.36 -2.34 3.56
N SER B 92 4.51 -2.88 2.34
CA SER B 92 3.46 -3.51 1.56
C SER B 92 4.11 -4.07 0.29
N TYR B 93 3.41 -4.92 -0.42
CA TYR B 93 3.84 -5.35 -1.75
C TYR B 93 4.04 -4.20 -2.75
N LEU B 94 3.23 -3.15 -2.65
CA LEU B 94 3.43 -1.99 -3.46
C LEU B 94 4.77 -1.28 -3.29
N GLU B 95 5.22 -1.11 -2.05
CA GLU B 95 6.53 -0.52 -1.79
C GLU B 95 7.60 -1.42 -2.34
N ALA B 96 7.41 -2.72 -2.14
CA ALA B 96 8.36 -3.72 -2.60
C ALA B 96 8.59 -3.60 -4.15
N LEU B 97 7.50 -3.55 -4.90
CA LEU B 97 7.58 -3.49 -6.35
C LEU B 97 7.95 -2.13 -6.85
N SER B 98 7.62 -1.11 -6.06
CA SER B 98 7.97 0.26 -6.32
C SER B 98 9.49 0.44 -6.28
N ASP B 99 10.11 -0.13 -5.24
CA ASP B 99 11.56 -0.12 -5.07
C ASP B 99 12.23 -0.79 -6.25
N TYR B 100 11.69 -1.91 -6.70
CA TYR B 100 12.26 -2.57 -7.85
C TYR B 100 12.22 -1.76 -9.17
N VAL B 101 11.04 -1.23 -9.55
CA VAL B 101 10.97 -0.50 -10.80
C VAL B 101 11.69 0.85 -10.73
N ALA B 102 11.95 1.37 -9.54
CA ALA B 102 12.70 2.61 -9.44
C ALA B 102 14.15 2.36 -9.81
N LEU B 103 14.65 1.19 -9.42
CA LEU B 103 16.01 0.81 -9.74
C LEU B 103 16.15 0.75 -11.23
N LEU B 104 15.23 0.06 -11.86
CA LEU B 104 15.22 -0.11 -13.33
C LEU B 104 15.10 1.24 -14.05
N THR B 105 14.35 2.16 -13.48
CA THR B 105 14.18 3.48 -14.06
C THR B 105 15.46 4.31 -13.94
N ARG B 106 16.19 4.15 -12.85
CA ARG B 106 17.29 5.06 -12.57
C ARG B 106 18.58 4.69 -13.27
N ASN B 107 18.59 3.51 -13.88
CA ASN B 107 19.80 2.99 -14.51
C ASN B 107 19.59 2.87 -16.02
N PRO B 108 20.33 3.67 -16.79
CA PRO B 108 20.04 3.65 -18.23
C PRO B 108 20.38 2.31 -18.87
N ARG B 109 21.07 1.38 -18.20
CA ARG B 109 21.27 0.06 -18.82
C ARG B 109 19.96 -0.66 -18.98
N TYR B 110 18.98 -0.32 -18.13
CA TYR B 110 17.69 -1.01 -18.11
C TYR B 110 16.64 -0.30 -18.94
N ALA B 111 17.08 0.63 -19.79
CA ALA B 111 16.18 1.51 -20.54
C ALA B 111 15.22 0.72 -21.42
N ALA B 112 15.73 -0.28 -22.09
CA ALA B 112 14.88 -1.09 -22.93
C ALA B 112 13.86 -1.90 -22.14
N VAL B 113 14.03 -2.06 -20.83
CA VAL B 113 13.01 -2.76 -20.05
C VAL B 113 11.88 -1.78 -19.78
N THR B 114 12.22 -0.53 -19.52
CA THR B 114 11.22 0.46 -19.21
C THR B 114 10.46 0.96 -20.43
N THR B 115 10.84 0.51 -21.63
CA THR B 115 10.11 0.95 -22.83
C THR B 115 9.66 -0.26 -23.64
N ALA B 116 9.84 -1.47 -23.09
CA ALA B 116 9.28 -2.65 -23.72
C ALA B 116 7.76 -2.65 -23.78
N ALA B 117 7.19 -3.25 -24.82
CA ALA B 117 5.73 -3.29 -24.99
C ALA B 117 5.09 -4.56 -24.45
N THR B 118 5.86 -5.62 -24.35
CA THR B 118 5.37 -6.89 -23.93
C THR B 118 6.29 -7.39 -22.84
N ALA B 119 5.81 -8.31 -22.03
CA ALA B 119 6.65 -8.97 -21.02
C ALA B 119 7.79 -9.73 -21.69
N GLU B 120 7.47 -10.44 -22.77
CA GLU B 120 8.46 -11.20 -23.52
C GLU B 120 9.56 -10.29 -24.00
N GLN B 121 9.19 -9.22 -24.69
CA GLN B 121 10.15 -8.17 -24.96
C GLN B 121 10.55 -7.61 -23.61
N GLY B 122 11.78 -7.23 -23.42
CA GLY B 122 12.02 -6.69 -22.08
C GLY B 122 12.49 -7.75 -21.11
N ALA B 123 11.91 -8.94 -21.17
CA ALA B 123 12.57 -10.09 -20.59
C ALA B 123 13.87 -10.24 -21.38
N VAL B 124 13.77 -10.04 -22.68
CA VAL B 124 14.97 -9.99 -23.51
C VAL B 124 15.82 -8.78 -23.11
N ALA B 125 15.22 -7.61 -22.95
CA ALA B 125 16.02 -6.43 -22.59
C ALA B 125 16.78 -6.66 -21.30
N LEU B 126 16.24 -7.49 -20.43
CA LEU B 126 16.85 -7.68 -19.13
C LEU B 126 18.19 -8.39 -19.30
N GLN B 127 18.20 -9.43 -20.12
CA GLN B 127 19.44 -10.08 -20.55
C GLN B 127 20.47 -9.11 -21.08
N ASN B 128 20.09 -8.38 -22.12
CA ASN B 128 21.01 -7.46 -22.79
C ASN B 128 21.52 -6.37 -21.85
N ALA B 129 21.06 -6.38 -20.60
CA ALA B 129 21.46 -5.43 -19.58
C ALA B 129 22.30 -6.11 -18.51
N GLY B 130 21.96 -7.37 -18.25
CA GLY B 130 22.61 -8.15 -17.21
C GLY B 130 21.68 -8.37 -16.04
N TYR B 131 20.98 -9.51 -16.06
CA TYR B 131 20.01 -9.80 -15.02
C TYR B 131 19.80 -11.28 -14.81
N ALA B 132 20.36 -11.79 -13.72
CA ALA B 132 20.63 -13.20 -13.59
C ALA B 132 21.43 -13.62 -14.83
N THR B 133 22.72 -13.32 -14.80
CA THR B 133 23.64 -13.65 -15.88
C THR B 133 23.58 -15.14 -16.21
N ASP B 134 23.27 -15.97 -15.22
CA ASP B 134 23.02 -17.38 -15.49
C ASP B 134 21.85 -17.51 -16.46
N PRO B 135 22.06 -18.20 -17.57
CA PRO B 135 21.01 -18.27 -18.60
C PRO B 135 19.86 -19.15 -18.17
N ASN B 136 20.07 -19.95 -17.12
CA ASN B 136 19.02 -20.79 -16.56
C ASN B 136 17.79 -19.95 -16.24
N TYR B 137 18.01 -18.84 -15.54
CA TYR B 137 16.92 -18.03 -15.00
C TYR B 137 16.12 -17.35 -16.11
N ALA B 138 16.80 -16.83 -17.13
CA ALA B 138 16.11 -16.28 -18.29
C ALA B 138 15.15 -17.30 -18.89
N ARG B 139 15.63 -18.52 -19.08
CA ARG B 139 14.81 -19.60 -19.63
C ARG B 139 13.54 -19.78 -18.78
N LYS B 140 13.71 -19.85 -17.48
CA LYS B 140 12.58 -20.04 -16.59
C LYS B 140 11.61 -18.85 -16.64
N LEU B 141 12.12 -17.67 -16.97
CA LEU B 141 11.30 -16.47 -16.94
C LEU B 141 10.38 -16.44 -18.14
N THR B 142 10.88 -16.87 -19.28
CA THR B 142 10.05 -16.91 -20.48
C THR B 142 8.98 -17.97 -20.32
N SER B 143 9.38 -19.09 -19.72
CA SER B 143 8.45 -20.13 -19.40
C SER B 143 7.34 -19.54 -18.56
N MET B 144 7.74 -18.81 -17.52
CA MET B 144 6.79 -18.20 -16.59
C MET B 144 5.85 -17.16 -17.22
N ILE B 145 6.36 -16.30 -18.10
CA ILE B 145 5.46 -15.33 -18.73
C ILE B 145 4.39 -16.05 -19.52
N GLN B 146 4.83 -17.02 -20.31
CA GLN B 146 3.91 -17.86 -21.02
C GLN B 146 2.88 -18.50 -20.08
N GLN B 147 3.30 -18.93 -18.89
CA GLN B 147 2.33 -19.49 -17.94
C GLN B 147 1.28 -18.49 -17.50
N LEU B 148 1.73 -17.29 -17.10
CA LEU B 148 0.80 -16.25 -16.65
C LEU B 148 -0.14 -15.83 -17.77
N LYS B 149 0.38 -15.78 -19.00
CA LYS B 149 -0.44 -15.45 -20.15
C LYS B 149 -1.73 -16.27 -20.09
N ALA B 150 -1.58 -17.60 -20.11
CA ALA B 150 -2.70 -18.50 -19.95
C ALA B 150 -3.20 -18.51 -18.50
N MET B 151 -3.88 -17.44 -18.09
CA MET B 151 -4.29 -17.26 -16.71
C MET B 151 -5.02 -15.91 -16.60
N SER B 152 -5.79 -15.71 -15.53
CA SER B 152 -6.54 -14.46 -15.37
C SER B 152 -6.71 -14.07 -13.90
N SER C 3 18.64 10.57 -0.79
CA SER C 3 19.64 11.00 -1.75
C SER C 3 18.93 11.36 -3.04
N LYS C 4 18.96 10.44 -3.99
CA LYS C 4 17.93 10.36 -5.00
C LYS C 4 17.16 9.08 -4.73
N ASP C 5 17.54 8.37 -3.67
CA ASP C 5 16.80 7.21 -3.19
C ASP C 5 15.48 7.64 -2.56
N PHE C 6 15.48 8.82 -1.95
CA PHE C 6 14.28 9.35 -1.33
C PHE C 6 13.27 9.45 -2.43
N LEU C 7 13.70 10.03 -3.55
CA LEU C 7 12.86 10.22 -4.74
C LEU C 7 12.25 8.94 -5.23
N ALA C 8 12.86 7.82 -4.89
CA ALA C 8 12.45 6.52 -5.37
C ALA C 8 11.60 5.76 -4.36
N ARG C 9 11.63 6.23 -3.12
CA ARG C 9 10.71 5.70 -2.14
C ARG C 9 9.38 6.44 -2.29
N LEU C 10 9.43 7.69 -2.77
CA LEU C 10 8.24 8.55 -2.72
C LEU C 10 7.58 8.88 -4.01
N SER C 11 8.27 8.73 -5.15
CA SER C 11 7.70 9.23 -6.39
C SER C 11 6.44 8.46 -6.75
N LEU C 12 6.42 7.14 -6.57
CA LEU C 12 5.18 6.39 -6.92
C LEU C 12 4.03 6.84 -6.05
N PRO C 13 4.15 6.71 -4.73
CA PRO C 13 3.02 7.15 -3.93
C PRO C 13 2.63 8.65 -4.16
N ALA C 14 3.61 9.50 -4.42
CA ALA C 14 3.27 10.88 -4.69
C ALA C 14 2.47 11.07 -6.00
N ARG C 15 2.86 10.32 -7.03
CA ARG C 15 2.13 10.38 -8.28
C ARG C 15 0.70 9.90 -8.07
N LEU C 16 0.50 8.87 -7.28
CA LEU C 16 -0.84 8.36 -7.06
C LEU C 16 -1.66 9.36 -6.23
N ALA C 17 -1.01 10.03 -5.28
CA ALA C 17 -1.70 11.01 -4.47
C ALA C 17 -2.06 12.20 -5.32
N SER C 18 -1.19 12.46 -6.30
CA SER C 18 -1.36 13.52 -7.30
C SER C 18 -2.55 13.24 -8.24
N GLU C 19 -2.65 12.02 -8.76
CA GLU C 19 -3.81 11.62 -9.57
C GLU C 19 -5.12 11.81 -8.81
N GLN C 20 -5.16 11.31 -7.58
CA GLN C 20 -6.35 11.34 -6.73
C GLN C 20 -6.90 12.72 -6.51
N SER C 21 -5.99 13.66 -6.33
CA SER C 21 -6.36 14.94 -5.78
C SER C 21 -6.40 16.04 -6.83
N GLY C 22 -5.37 16.10 -7.67
CA GLY C 22 -5.17 17.24 -8.55
C GLY C 22 -3.85 17.92 -8.26
N VAL C 23 -3.40 17.82 -7.01
CA VAL C 23 -2.11 18.39 -6.62
C VAL C 23 -0.99 17.95 -7.55
N PRO C 24 -0.14 18.89 -7.98
CA PRO C 24 0.91 18.44 -8.91
C PRO C 24 1.87 17.51 -8.21
N HIS C 25 2.19 16.41 -8.88
CA HIS C 25 3.17 15.47 -8.39
C HIS C 25 4.39 16.10 -7.69
N HIS C 26 5.16 16.86 -8.47
CA HIS C 26 6.45 17.36 -8.01
C HIS C 26 6.32 18.25 -6.80
N LEU C 27 5.15 18.84 -6.63
CA LEU C 27 4.93 19.74 -5.52
C LEU C 27 4.88 18.93 -4.24
N ILE C 28 4.29 17.74 -4.32
CA ILE C 28 4.23 16.83 -3.18
C ILE C 28 5.64 16.39 -2.80
N LEU C 29 6.38 15.87 -3.77
CA LEU C 29 7.76 15.50 -3.55
C LEU C 29 8.59 16.62 -3.02
N ALA C 30 8.28 17.82 -3.49
CA ALA C 30 9.01 19.01 -3.11
C ALA C 30 8.78 19.31 -1.64
N GLN C 31 7.50 19.35 -1.28
CA GLN C 31 7.13 19.60 0.10
C GLN C 31 7.70 18.54 1.02
N ALA C 32 7.64 17.27 0.59
CA ALA C 32 8.13 16.16 1.42
C ALA C 32 9.64 16.22 1.60
N ALA C 33 10.33 16.43 0.49
CA ALA C 33 11.77 16.63 0.51
C ALA C 33 12.21 17.72 1.47
N LEU C 34 11.61 18.90 1.29
CA LEU C 34 11.98 20.05 2.10
C LEU C 34 11.67 19.77 3.58
N GLU C 35 10.41 19.53 3.88
CA GLU C 35 9.97 19.37 5.25
C GLU C 35 10.67 18.22 5.99
N SER C 36 11.07 17.17 5.29
CA SER C 36 11.67 16.02 5.98
C SER C 36 13.16 15.93 5.77
N GLY C 37 13.75 16.88 5.04
CA GLY C 37 15.17 16.82 4.74
C GLY C 37 15.63 15.67 3.87
N TRP C 38 14.96 15.47 2.74
CA TRP C 38 15.24 14.35 1.85
C TRP C 38 15.13 13.01 2.61
N GLY C 39 14.18 12.94 3.54
CA GLY C 39 13.92 11.71 4.21
C GLY C 39 14.91 11.36 5.28
N GLN C 40 15.68 12.35 5.73
CA GLN C 40 16.60 12.17 6.85
C GLN C 40 15.87 12.30 8.18
N ARG C 41 14.90 13.18 8.26
CA ARG C 41 14.12 13.30 9.50
C ARG C 41 13.05 12.23 9.67
N GLN C 42 13.33 11.16 10.43
CA GLN C 42 12.35 10.09 10.57
C GLN C 42 11.57 10.30 11.86
N ILE C 43 10.37 9.74 11.93
CA ILE C 43 9.61 9.80 13.14
C ILE C 43 9.30 8.37 13.43
N LEU C 44 10.05 7.79 14.35
CA LEU C 44 10.02 6.35 14.50
C LEU C 44 9.17 6.02 15.69
N ARG C 45 8.62 4.82 15.65
CA ARG C 45 7.84 4.34 16.75
C ARG C 45 8.79 3.98 17.90
N GLU C 46 8.24 3.79 19.08
CA GLU C 46 9.03 3.53 20.27
C GLU C 46 9.92 2.30 20.07
N ASN C 47 9.59 1.44 19.10
CA ASN C 47 10.36 0.21 18.88
C ASN C 47 11.33 0.30 17.71
N GLY C 48 11.49 1.49 17.19
CA GLY C 48 12.33 1.72 16.04
C GLY C 48 11.65 1.60 14.67
N GLU C 49 10.41 1.15 14.61
CA GLU C 49 9.77 0.97 13.33
C GLU C 49 9.32 2.29 12.72
N PRO C 50 9.21 2.33 11.38
CA PRO C 50 8.83 3.58 10.75
C PRO C 50 7.39 3.95 11.04
N SER C 51 7.08 5.25 11.10
CA SER C 51 5.71 5.71 11.03
C SER C 51 5.32 6.06 9.60
N TYR C 52 6.32 6.15 8.70
CA TYR C 52 6.09 6.63 7.34
C TYR C 52 5.41 8.03 7.33
N ASN C 53 5.46 8.73 8.45
CA ASN C 53 4.87 10.07 8.59
C ASN C 53 5.82 11.20 8.12
N VAL C 54 5.98 11.31 6.81
CA VAL C 54 6.98 12.19 6.25
C VAL C 54 6.71 13.68 6.54
N PHE C 55 5.46 14.07 6.73
CA PHE C 55 5.17 15.49 7.05
C PHE C 55 5.07 15.78 8.54
N GLY C 56 5.39 14.79 9.36
CA GLY C 56 5.29 14.95 10.78
C GLY C 56 3.91 15.38 11.25
N VAL C 57 2.85 14.67 10.81
CA VAL C 57 1.50 15.05 11.17
C VAL C 57 1.13 14.50 12.55
N LYS C 58 0.71 15.39 13.44
CA LYS C 58 0.31 15.01 14.77
C LYS C 58 -1.01 14.25 14.74
N ALA C 59 -1.18 13.37 15.71
CA ALA C 59 -2.43 12.71 15.89
C ALA C 59 -3.43 13.70 16.46
N THR C 60 -4.69 13.56 16.11
CA THR C 60 -5.78 14.29 16.74
C THR C 60 -6.86 13.30 17.10
N ALA C 61 -7.91 13.77 17.76
CA ALA C 61 -8.97 12.86 18.18
C ALA C 61 -9.57 12.24 16.94
N SER C 62 -9.69 13.04 15.90
CA SER C 62 -10.30 12.55 14.67
C SER C 62 -9.45 11.48 13.99
N TRP C 63 -8.19 11.33 14.42
CA TRP C 63 -7.35 10.24 13.89
C TRP C 63 -7.64 9.00 14.70
N LYS C 64 -7.99 7.92 14.02
CA LYS C 64 -8.31 6.67 14.70
C LYS C 64 -7.29 5.55 14.49
N GLY C 65 -6.17 5.86 13.83
CA GLY C 65 -5.18 4.84 13.52
C GLY C 65 -4.11 4.73 14.57
N PRO C 66 -3.04 3.99 14.29
CA PRO C 66 -2.02 3.88 15.31
C PRO C 66 -1.24 5.21 15.43
N VAL C 67 -0.57 5.38 16.55
CA VAL C 67 0.16 6.61 16.80
C VAL C 67 1.47 6.26 17.47
N THR C 68 2.40 7.21 17.49
CA THR C 68 3.60 7.06 18.29
C THR C 68 3.86 8.36 19.03
N GLU C 69 4.51 8.22 20.18
CA GLU C 69 4.79 9.31 21.09
C GLU C 69 6.27 9.69 21.07
N ILE C 70 6.55 10.96 20.85
CA ILE C 70 7.90 11.50 20.88
C ILE C 70 7.97 12.38 22.15
N THR C 71 8.98 12.11 22.94
CA THR C 71 9.27 12.89 24.12
C THR C 71 10.37 13.89 23.76
N THR C 72 10.16 15.14 24.14
CA THR C 72 11.20 16.15 24.05
C THR C 72 11.25 16.88 25.41
N THR C 73 12.04 17.92 25.51
CA THR C 73 12.40 18.46 26.82
C THR C 73 12.53 19.92 26.65
N GLU C 74 11.93 20.66 27.58
CA GLU C 74 12.20 22.09 27.68
C GLU C 74 12.93 22.38 28.99
N TYR C 75 14.12 23.00 28.90
CA TYR C 75 14.85 23.43 30.12
C TYR C 75 14.37 24.82 30.47
N GLU C 76 13.19 24.93 31.06
CA GLU C 76 12.64 26.24 31.40
C GLU C 76 12.55 26.42 32.91
N ASN C 77 13.17 27.49 33.40
CA ASN C 77 13.01 27.90 34.79
C ASN C 77 13.66 26.91 35.76
N GLY C 78 14.79 26.33 35.36
CA GLY C 78 15.53 25.44 36.21
C GLY C 78 14.90 24.08 36.31
N GLU C 79 13.84 23.86 35.54
CA GLU C 79 13.11 22.60 35.51
C GLU C 79 13.35 21.88 34.21
N ALA C 80 13.50 20.57 34.26
CA ALA C 80 13.47 19.78 33.05
C ALA C 80 12.01 19.43 32.72
N LYS C 81 11.37 20.15 31.82
CA LYS C 81 9.99 19.84 31.48
C LYS C 81 9.94 18.84 30.33
N LYS C 82 9.33 17.68 30.57
CA LYS C 82 9.05 16.77 29.49
C LYS C 82 7.81 17.19 28.74
N VAL C 83 7.89 17.12 27.43
CA VAL C 83 6.72 17.31 26.63
C VAL C 83 6.62 16.11 25.69
N LYS C 84 5.44 15.50 25.68
CA LYS C 84 5.13 14.35 24.85
C LYS C 84 4.17 14.77 23.73
N ALA C 85 4.46 14.31 22.51
CA ALA C 85 3.65 14.63 21.32
C ALA C 85 3.34 13.36 20.57
N LYS C 86 2.09 13.18 20.12
CA LYS C 86 1.68 11.97 19.40
C LYS C 86 1.65 12.22 17.92
N PHE C 87 2.28 11.33 17.15
CA PHE C 87 2.28 11.43 15.71
C PHE C 87 1.46 10.28 15.10
N ARG C 88 0.77 10.55 13.99
CA ARG C 88 0.12 9.50 13.24
C ARG C 88 1.11 8.48 12.75
N VAL C 89 0.73 7.23 12.79
CA VAL C 89 1.47 6.16 12.15
C VAL C 89 0.70 5.69 10.92
N TYR C 90 1.36 5.76 9.79
CA TYR C 90 0.72 5.41 8.55
C TYR C 90 1.16 4.01 8.14
N SER C 91 0.28 3.33 7.44
CA SER C 91 0.59 2.00 6.97
C SER C 91 1.66 1.97 5.88
N SER C 92 1.93 3.11 5.27
CA SER C 92 2.86 3.18 4.15
C SER C 92 2.99 4.62 3.74
N TYR C 93 3.96 4.91 2.89
CA TYR C 93 4.05 6.25 2.34
C TYR C 93 2.80 6.59 1.50
N LEU C 94 2.13 5.61 0.90
CA LEU C 94 0.92 5.89 0.15
C LEU C 94 -0.14 6.49 1.08
N GLU C 95 -0.27 5.94 2.27
CA GLU C 95 -1.35 6.38 3.16
C GLU C 95 -1.02 7.77 3.64
N ALA C 96 0.27 7.99 3.93
CA ALA C 96 0.70 9.28 4.43
C ALA C 96 0.32 10.36 3.46
N LEU C 97 0.72 10.18 2.20
CA LEU C 97 0.49 11.15 1.15
C LEU C 97 -0.98 11.28 0.80
N SER C 98 -1.74 10.19 0.95
CA SER C 98 -3.17 10.22 0.70
C SER C 98 -3.87 11.04 1.76
N ASP C 99 -3.38 10.91 2.99
CA ASP C 99 -4.00 11.65 4.06
C ASP C 99 -3.69 13.15 3.87
N TYR C 100 -2.51 13.48 3.41
CA TYR C 100 -2.22 14.88 3.09
C TYR C 100 -3.14 15.45 2.01
N VAL C 101 -3.09 14.91 0.79
CA VAL C 101 -3.87 15.49 -0.29
C VAL C 101 -5.37 15.42 0.00
N ALA C 102 -5.77 14.55 0.92
CA ALA C 102 -7.19 14.49 1.26
C ALA C 102 -7.58 15.72 2.05
N LEU C 103 -6.66 16.27 2.83
CA LEU C 103 -6.92 17.52 3.53
C LEU C 103 -7.12 18.65 2.53
N LEU C 104 -6.31 18.63 1.48
CA LEU C 104 -6.27 19.75 0.54
C LEU C 104 -7.58 19.81 -0.24
N THR C 105 -8.20 18.64 -0.44
CA THR C 105 -9.59 18.53 -0.86
C THR C 105 -10.41 18.62 0.44
N ARG C 106 -11.72 18.84 0.38
CA ARG C 106 -12.51 18.99 1.61
C ARG C 106 -12.28 20.35 2.29
N ASN C 107 -11.26 21.09 1.85
CA ASN C 107 -11.06 22.48 2.24
C ASN C 107 -11.05 23.32 0.96
N PRO C 108 -12.15 24.06 0.71
CA PRO C 108 -12.06 25.02 -0.40
C PRO C 108 -10.93 26.01 -0.19
N ARG C 109 -10.56 26.19 1.07
CA ARG C 109 -9.38 26.94 1.46
C ARG C 109 -8.18 26.76 0.50
N TYR C 110 -7.92 25.53 0.06
CA TYR C 110 -6.80 25.21 -0.85
C TYR C 110 -7.21 24.83 -2.27
N ALA C 111 -8.42 25.22 -2.65
CA ALA C 111 -8.99 24.86 -3.95
C ALA C 111 -8.05 25.23 -5.09
N ALA C 112 -7.19 26.20 -4.82
CA ALA C 112 -6.21 26.65 -5.78
C ALA C 112 -5.15 25.60 -6.02
N VAL C 113 -4.81 24.86 -4.98
CA VAL C 113 -3.71 23.92 -5.09
C VAL C 113 -4.22 22.72 -5.86
N THR C 114 -5.46 22.35 -5.61
CA THR C 114 -6.07 21.20 -6.22
C THR C 114 -6.11 21.30 -7.74
N THR C 115 -6.04 22.52 -8.27
CA THR C 115 -6.37 22.78 -9.67
C THR C 115 -5.23 23.45 -10.44
N ALA C 116 -4.08 23.60 -9.78
CA ALA C 116 -2.91 24.22 -10.41
C ALA C 116 -2.36 23.39 -11.55
N ALA C 117 -1.65 24.06 -12.46
CA ALA C 117 -1.22 23.46 -13.72
C ALA C 117 0.23 23.07 -13.68
N THR C 118 0.94 23.58 -12.66
CA THR C 118 2.38 23.38 -12.54
C THR C 118 2.83 23.24 -11.09
N ALA C 119 3.96 22.60 -10.85
CA ALA C 119 4.50 22.51 -9.49
C ALA C 119 4.80 23.90 -8.92
N GLU C 120 5.31 24.78 -9.78
CA GLU C 120 5.73 26.11 -9.36
C GLU C 120 4.49 26.91 -9.02
N GLN C 121 3.45 26.78 -9.84
CA GLN C 121 2.14 27.26 -9.43
C GLN C 121 1.65 26.28 -8.37
N GLY C 122 0.65 26.64 -7.58
CA GLY C 122 0.23 25.75 -6.52
C GLY C 122 1.12 25.96 -5.31
N ALA C 123 2.44 26.01 -5.55
CA ALA C 123 3.35 26.51 -4.54
C ALA C 123 2.92 27.91 -4.15
N VAL C 124 2.70 28.76 -5.16
CA VAL C 124 2.17 30.10 -4.93
C VAL C 124 0.96 29.99 -4.03
N ALA C 125 -0.02 29.21 -4.47
CA ALA C 125 -1.28 29.06 -3.75
C ALA C 125 -1.11 28.57 -2.33
N LEU C 126 -0.22 27.59 -2.15
CA LEU C 126 0.09 27.13 -0.81
C LEU C 126 0.57 28.29 0.06
N GLN C 127 1.60 29.01 -0.37
CA GLN C 127 1.99 30.29 0.22
C GLN C 127 0.77 31.10 0.68
N ASN C 128 -0.17 31.32 -0.23
CA ASN C 128 -1.44 31.96 0.13
C ASN C 128 -2.34 31.08 1.04
N ALA C 129 -1.84 30.74 2.23
CA ALA C 129 -2.64 30.19 3.34
C ALA C 129 -1.73 29.69 4.46
N ARG C 139 7.95 28.09 1.03
CA ARG C 139 7.74 28.98 -0.11
C ARG C 139 9.05 29.16 -0.88
N LYS C 140 10.05 28.36 -0.52
CA LYS C 140 11.28 28.24 -1.28
C LYS C 140 11.24 26.86 -1.92
N LEU C 141 10.03 26.42 -2.29
CA LEU C 141 9.89 25.14 -2.96
C LEU C 141 10.52 25.19 -4.32
N THR C 142 10.33 26.29 -5.06
CA THR C 142 10.80 26.36 -6.44
C THR C 142 12.23 25.86 -6.46
N SER C 143 12.99 26.28 -5.46
CA SER C 143 14.34 25.78 -5.28
C SER C 143 14.30 24.27 -5.32
N MET C 144 13.38 23.71 -4.55
CA MET C 144 13.19 22.26 -4.43
C MET C 144 12.73 21.64 -5.75
N ILE C 145 11.64 22.20 -6.26
CA ILE C 145 11.03 21.76 -7.50
C ILE C 145 12.07 21.77 -8.59
N GLN C 146 12.86 22.85 -8.60
CA GLN C 146 13.87 23.01 -9.60
C GLN C 146 14.84 21.85 -9.56
N GLN C 147 15.36 21.53 -8.37
CA GLN C 147 16.32 20.45 -8.27
C GLN C 147 15.70 19.18 -8.79
N LEU C 148 14.59 18.78 -8.18
CA LEU C 148 13.87 17.58 -8.59
C LEU C 148 13.74 17.45 -10.09
N LYS C 149 13.20 18.49 -10.72
CA LYS C 149 12.99 18.47 -12.16
C LYS C 149 14.34 18.37 -12.86
N ALA C 150 15.36 18.99 -12.28
CA ALA C 150 16.70 18.94 -12.85
C ALA C 150 17.17 17.49 -12.85
N MET C 151 16.93 16.80 -11.74
CA MET C 151 17.05 15.34 -11.68
C MET C 151 16.02 14.84 -12.70
N SER C 152 16.28 13.69 -13.33
CA SER C 152 15.45 13.27 -14.47
C SER C 152 15.62 14.24 -15.63
I IOD D . -3.75 3.25 1.48
I IOD E . -8.59 -1.80 11.58
NA NA F . -9.21 -7.62 -9.65
I IOD G . 21.25 0.85 -5.95
I IOD H . 6.86 -12.11 3.01
I IOD I . -0.59 -3.78 -2.03
I IOD J . 9.53 10.14 30.24
I IOD K . -8.67 18.19 9.62
I IOD L . 17.18 26.55 32.73
I IOD M . 9.64 7.30 9.06
I IOD N . 4.29 3.02 -1.16
CL CL O . 9.11 17.73 17.34
CL CL P . 5.28 20.44 -12.99
#